data_5E73
#
_entry.id   5E73
#
_cell.length_a   83.175
_cell.length_b   96.477
_cell.length_c   57.727
_cell.angle_alpha   90.000
_cell.angle_beta   90.000
_cell.angle_gamma   90.000
#
_symmetry.space_group_name_H-M   'C 2 2 21'
#
loop_
_entity.id
_entity.type
_entity.pdbx_description
1 polymer 'Bromodomain adjacent to zinc finger domain protein 2B'
2 non-polymer N-(1-acetyl-1H-indol-3-yl)-N-(5-hydroxy-2-methylphenyl)acetamide
3 water water
#
_entity_poly.entity_id   1
_entity_poly.type   'polypeptide(L)'
_entity_poly.pdbx_seq_one_letter_code
;SMSVKKPKRDDSKDLALCSMILTEMETHEDAWPFLLPVNLKLVPGYKKVIKKPMDFSTIREKLSSGQYPNLETFALDVRL
VFDNCETFNEDDSDIGRAGHNMRKYFEKKWTDTFKV
;
_entity_poly.pdbx_strand_id   A
#
# COMPACT_ATOMS: atom_id res chain seq x y z
N SER A 1 20.95 10.35 -21.34
CA SER A 1 20.44 10.49 -22.71
C SER A 1 20.90 9.30 -23.55
N MET A 2 20.76 9.41 -24.87
CA MET A 2 21.14 8.32 -25.77
C MET A 2 22.59 7.89 -25.55
N SER A 3 22.76 6.60 -25.24
CA SER A 3 24.08 6.01 -25.02
CA SER A 3 24.08 6.00 -25.03
C SER A 3 24.80 6.64 -23.83
N VAL A 4 24.05 7.23 -22.92
CA VAL A 4 24.61 7.75 -21.67
C VAL A 4 23.74 7.22 -20.54
N LYS A 5 24.17 6.11 -19.92
CA LYS A 5 23.36 5.44 -18.91
C LYS A 5 23.74 5.86 -17.50
N LYS A 6 22.74 6.37 -16.79
CA LYS A 6 22.82 6.65 -15.38
C LYS A 6 22.96 5.33 -14.62
N PRO A 7 23.89 5.26 -13.66
CA PRO A 7 23.93 4.08 -12.80
C PRO A 7 22.60 3.95 -12.06
N LYS A 8 21.97 2.80 -12.09
CA LYS A 8 20.71 2.62 -11.38
C LYS A 8 20.75 1.41 -10.45
N ARG A 9 19.97 1.51 -9.38
CA ARG A 9 19.98 0.50 -8.33
C ARG A 9 19.62 -0.90 -8.84
N ASP A 10 20.07 -1.90 -8.09
CA ASP A 10 19.74 -3.29 -8.36
C ASP A 10 18.30 -3.54 -7.90
N ASP A 11 17.41 -3.80 -8.85
CA ASP A 11 15.99 -3.96 -8.53
C ASP A 11 15.56 -5.43 -8.58
N SER A 12 16.53 -6.34 -8.70
CA SER A 12 16.24 -7.75 -8.89
C SER A 12 15.53 -8.40 -7.69
N LYS A 13 15.70 -7.79 -6.51
CA LYS A 13 15.08 -8.32 -5.29
C LYS A 13 13.77 -7.63 -4.91
N ASP A 14 13.34 -6.64 -5.68
CA ASP A 14 12.22 -5.79 -5.30
C ASP A 14 10.91 -6.56 -5.09
N LEU A 15 10.63 -7.55 -5.95
CA LEU A 15 9.42 -8.33 -5.81
C LEU A 15 9.34 -9.03 -4.45
N ALA A 16 10.41 -9.75 -4.11
CA ALA A 16 10.54 -10.42 -2.82
C ALA A 16 10.47 -9.45 -1.65
N LEU A 17 11.14 -8.30 -1.78
CA LEU A 17 11.14 -7.33 -0.69
C LEU A 17 9.77 -6.69 -0.48
N CYS A 18 9.06 -6.41 -1.57
CA CYS A 18 7.72 -5.85 -1.44
C CYS A 18 6.74 -6.88 -0.86
N SER A 19 6.90 -8.14 -1.23
CA SER A 19 6.05 -9.20 -0.70
CA SER A 19 6.06 -9.21 -0.70
C SER A 19 6.27 -9.36 0.80
N MET A 20 7.53 -9.28 1.22
CA MET A 20 7.88 -9.35 2.63
C MET A 20 7.20 -8.21 3.40
N ILE A 21 7.29 -7.00 2.86
CA ILE A 21 6.67 -5.85 3.52
C ILE A 21 5.15 -6.04 3.59
N LEU A 22 4.55 -6.45 2.49
CA LEU A 22 3.11 -6.67 2.46
C LEU A 22 2.69 -7.73 3.49
N THR A 23 3.47 -8.80 3.64
CA THR A 23 3.15 -9.83 4.63
C THR A 23 3.10 -9.27 6.05
N GLU A 24 4.08 -8.43 6.37
CA GLU A 24 4.14 -7.83 7.69
C GLU A 24 2.97 -6.86 7.90
N MET A 25 2.58 -6.18 6.83
CA MET A 25 1.38 -5.34 6.88
C MET A 25 0.15 -6.19 7.13
N GLU A 26 0.03 -7.31 6.42
CA GLU A 26 -1.14 -8.17 6.54
C GLU A 26 -1.28 -8.78 7.93
N THR A 27 -0.18 -8.94 8.65
CA THR A 27 -0.21 -9.60 9.96
C THR A 27 -0.18 -8.61 11.13
N HIS A 28 -0.07 -7.32 10.83
CA HIS A 28 -0.16 -6.29 11.85
C HIS A 28 -1.53 -6.36 12.53
N GLU A 29 -1.55 -6.17 13.85
CA GLU A 29 -2.79 -6.21 14.63
C GLU A 29 -3.85 -5.25 14.09
N ASP A 30 -3.44 -4.09 13.60
CA ASP A 30 -4.38 -3.08 13.14
C ASP A 30 -4.66 -3.15 11.65
N ALA A 31 -4.31 -4.26 11.01
CA ALA A 31 -4.52 -4.40 9.56
C ALA A 31 -5.98 -4.69 9.20
N TRP A 32 -6.79 -5.08 10.20
CA TRP A 32 -8.14 -5.60 9.94
C TRP A 32 -9.04 -4.71 9.05
N PRO A 33 -8.96 -3.36 9.15
CA PRO A 33 -9.87 -2.62 8.24
C PRO A 33 -9.48 -2.71 6.77
N PHE A 34 -8.27 -3.19 6.49
CA PHE A 34 -7.66 -3.09 5.17
C PHE A 34 -7.43 -4.45 4.50
N LEU A 35 -7.92 -5.51 5.12
CA LEU A 35 -7.60 -6.86 4.62
C LEU A 35 -8.45 -7.23 3.41
N LEU A 36 -9.62 -6.61 3.28
CA LEU A 36 -10.56 -6.90 2.18
C LEU A 36 -11.09 -5.58 1.63
N PRO A 37 -11.64 -5.59 0.42
CA PRO A 37 -12.18 -4.32 -0.09
C PRO A 37 -13.33 -3.81 0.76
N VAL A 38 -13.46 -2.49 0.86
CA VAL A 38 -14.65 -1.89 1.48
C VAL A 38 -15.87 -2.34 0.69
N ASN A 39 -16.92 -2.73 1.40
CA ASN A 39 -18.13 -3.21 0.72
C ASN A 39 -18.92 -2.03 0.16
N LEU A 40 -18.83 -1.87 -1.16
CA LEU A 40 -19.41 -0.71 -1.82
C LEU A 40 -20.94 -0.70 -1.77
N LYS A 41 -21.52 -1.87 -1.55
CA LYS A 41 -22.97 -1.97 -1.50
C LYS A 41 -23.52 -1.67 -0.11
N LEU A 42 -22.72 -1.92 0.92
CA LEU A 42 -23.18 -1.77 2.29
C LEU A 42 -22.67 -0.50 2.99
N VAL A 43 -21.73 0.20 2.37
CA VAL A 43 -21.21 1.41 3.00
C VAL A 43 -21.61 2.66 2.20
N PRO A 44 -22.64 3.37 2.68
CA PRO A 44 -23.11 4.57 1.97
C PRO A 44 -21.98 5.57 1.78
N GLY A 45 -21.98 6.26 0.64
CA GLY A 45 -20.99 7.28 0.34
C GLY A 45 -19.69 6.80 -0.25
N TYR A 46 -19.27 5.58 0.08
CA TYR A 46 -17.92 5.15 -0.25
C TYR A 46 -17.65 5.09 -1.75
N LYS A 47 -18.55 4.44 -2.51
CA LYS A 47 -18.34 4.31 -3.94
C LYS A 47 -18.26 5.67 -4.65
N LYS A 48 -19.11 6.62 -4.27
CA LYS A 48 -19.12 7.93 -4.89
C LYS A 48 -17.91 8.78 -4.47
N VAL A 49 -17.54 8.70 -3.20
CA VAL A 49 -16.51 9.57 -2.64
C VAL A 49 -15.09 9.06 -2.95
N ILE A 50 -14.88 7.76 -2.81
CA ILE A 50 -13.53 7.20 -2.94
C ILE A 50 -13.34 6.65 -4.34
N LYS A 51 -12.67 7.43 -5.19
CA LYS A 51 -12.63 7.15 -6.61
C LYS A 51 -11.81 5.91 -6.95
N LYS A 52 -10.75 5.65 -6.17
CA LYS A 52 -9.91 4.48 -6.40
C LYS A 52 -9.76 3.66 -5.14
N PRO A 53 -10.74 2.78 -4.86
CA PRO A 53 -10.65 1.88 -3.70
C PRO A 53 -9.42 0.98 -3.78
N MET A 54 -8.77 0.76 -2.65
CA MET A 54 -7.64 -0.17 -2.61
C MET A 54 -7.56 -0.82 -1.23
N ASP A 55 -7.05 -2.04 -1.19
CA ASP A 55 -6.91 -2.77 0.09
C ASP A 55 -5.79 -3.77 -0.05
N PHE A 56 -5.37 -4.36 1.07
CA PHE A 56 -4.24 -5.28 1.05
C PHE A 56 -4.46 -6.52 0.18
N SER A 57 -5.68 -7.05 0.14
CA SER A 57 -5.91 -8.28 -0.61
C SER A 57 -5.81 -8.00 -2.11
N THR A 58 -6.20 -6.80 -2.51
CA THR A 58 -6.09 -6.42 -3.92
C THR A 58 -4.63 -6.16 -4.30
N ILE A 59 -3.89 -5.55 -3.40
CA ILE A 59 -2.46 -5.35 -3.61
C ILE A 59 -1.76 -6.70 -3.70
N ARG A 60 -2.14 -7.64 -2.83
CA ARG A 60 -1.53 -8.97 -2.84
C ARG A 60 -1.79 -9.67 -4.17
N GLU A 61 -3.02 -9.55 -4.67
CA GLU A 61 -3.33 -10.17 -5.96
C GLU A 61 -2.51 -9.55 -7.09
N LYS A 62 -2.46 -8.22 -7.14
CA LYS A 62 -1.67 -7.52 -8.14
C LYS A 62 -0.17 -7.88 -8.05
N LEU A 63 0.34 -7.99 -6.83
CA LEU A 63 1.74 -8.34 -6.64
C LEU A 63 2.04 -9.78 -7.11
N SER A 64 1.10 -10.69 -6.89
CA SER A 64 1.30 -12.10 -7.26
C SER A 64 1.08 -12.36 -8.75
N SER A 65 0.57 -11.36 -9.46
CA SER A 65 0.19 -11.56 -10.85
C SER A 65 0.92 -10.58 -11.78
N GLY A 66 1.99 -9.98 -11.27
CA GLY A 66 2.86 -9.14 -12.09
C GLY A 66 2.23 -7.85 -12.57
N GLN A 67 1.35 -7.26 -11.76
CA GLN A 67 0.66 -6.05 -12.18
C GLN A 67 1.30 -4.77 -11.63
N TYR A 68 2.42 -4.91 -10.91
CA TYR A 68 3.25 -3.77 -10.54
C TYR A 68 4.53 -3.72 -11.37
N PRO A 69 4.62 -2.71 -12.25
CA PRO A 69 5.79 -2.52 -13.12
C PRO A 69 7.06 -2.33 -12.30
N ASN A 70 6.95 -1.64 -11.16
CA ASN A 70 8.11 -1.37 -10.32
C ASN A 70 7.72 -1.15 -8.88
N LEU A 71 8.72 -0.95 -8.02
CA LEU A 71 8.45 -0.87 -6.60
C LEU A 71 7.67 0.41 -6.28
N GLU A 72 7.84 1.47 -7.07
CA GLU A 72 7.14 2.72 -6.82
C GLU A 72 5.62 2.60 -7.04
N THR A 73 5.21 1.85 -8.06
CA THR A 73 3.78 1.65 -8.28
C THR A 73 3.16 0.84 -7.14
N PHE A 74 3.95 -0.05 -6.54
CA PHE A 74 3.50 -0.80 -5.35
C PHE A 74 3.25 0.16 -4.17
N ALA A 75 4.23 1.00 -3.88
CA ALA A 75 4.14 1.95 -2.77
C ALA A 75 2.94 2.88 -2.97
N LEU A 76 2.68 3.27 -4.22
CA LEU A 76 1.55 4.14 -4.51
C LEU A 76 0.24 3.50 -4.09
N ASP A 77 0.07 2.22 -4.40
CA ASP A 77 -1.12 1.49 -4.01
C ASP A 77 -1.22 1.33 -2.48
N VAL A 78 -0.09 1.08 -1.81
CA VAL A 78 -0.16 0.98 -0.36
C VAL A 78 -0.62 2.31 0.27
N ARG A 79 -0.04 3.40 -0.21
CA ARG A 79 -0.37 4.73 0.29
C ARG A 79 -1.80 5.12 -0.05
N LEU A 80 -2.30 4.62 -1.18
CA LEU A 80 -3.69 4.86 -1.57
C LEU A 80 -4.66 4.28 -0.52
N VAL A 81 -4.34 3.09 0.00
CA VAL A 81 -5.13 2.51 1.08
C VAL A 81 -5.30 3.49 2.23
N PHE A 82 -4.20 4.09 2.65
CA PHE A 82 -4.25 4.97 3.83
C PHE A 82 -4.81 6.36 3.50
N ASP A 83 -4.59 6.81 2.27
CA ASP A 83 -5.16 8.09 1.85
C ASP A 83 -6.68 7.98 1.79
N ASN A 84 -7.16 6.87 1.24
CA ASN A 84 -8.59 6.59 1.21
C ASN A 84 -9.17 6.55 2.62
N CYS A 85 -8.45 5.88 3.53
CA CYS A 85 -8.90 5.73 4.90
C CYS A 85 -9.04 7.09 5.57
N GLU A 86 -8.07 7.96 5.33
CA GLU A 86 -8.11 9.32 5.87
C GLU A 86 -9.25 10.14 5.32
N THR A 87 -9.53 9.96 4.04
CA THR A 87 -10.60 10.72 3.40
C THR A 87 -11.94 10.38 4.02
N PHE A 88 -12.16 9.11 4.33
CA PHE A 88 -13.48 8.63 4.74
C PHE A 88 -13.67 8.53 6.26
N ASN A 89 -12.59 8.42 7.00
CA ASN A 89 -12.70 8.13 8.42
C ASN A 89 -12.16 9.26 9.29
N GLU A 90 -12.86 9.52 10.39
CA GLU A 90 -12.37 10.45 11.39
C GLU A 90 -11.07 9.94 11.98
N ASP A 91 -10.13 10.85 12.21
CA ASP A 91 -8.81 10.50 12.72
C ASP A 91 -8.85 9.67 14.01
N ASP A 92 -9.84 9.95 14.85
CA ASP A 92 -9.96 9.37 16.19
CA ASP A 92 -9.85 9.31 16.16
C ASP A 92 -10.76 8.08 16.20
N SER A 93 -11.45 7.79 15.10
CA SER A 93 -12.21 6.56 15.03
C SER A 93 -11.22 5.39 15.04
N ASP A 94 -11.71 4.17 15.26
CA ASP A 94 -10.82 3.01 15.30
C ASP A 94 -10.18 2.78 13.94
N ILE A 95 -10.99 2.80 12.89
CA ILE A 95 -10.46 2.63 11.55
C ILE A 95 -9.50 3.75 11.20
N GLY A 96 -9.89 4.99 11.54
CA GLY A 96 -9.06 6.14 11.27
C GLY A 96 -7.68 6.03 11.91
N ARG A 97 -7.67 5.66 13.19
CA ARG A 97 -6.41 5.52 13.91
C ARG A 97 -5.61 4.32 13.41
N ALA A 98 -6.30 3.25 13.01
CA ALA A 98 -5.62 2.09 12.43
C ALA A 98 -4.83 2.51 11.19
N GLY A 99 -5.44 3.34 10.34
CA GLY A 99 -4.81 3.82 9.14
C GLY A 99 -3.56 4.64 9.39
N HIS A 100 -3.63 5.57 10.33
CA HIS A 100 -2.45 6.35 10.70
C HIS A 100 -1.34 5.45 11.22
N ASN A 101 -1.71 4.48 12.06
CA ASN A 101 -0.74 3.53 12.60
C ASN A 101 -0.07 2.75 11.48
N MET A 102 -0.89 2.22 10.57
CA MET A 102 -0.38 1.39 9.47
C MET A 102 0.46 2.17 8.48
N ARG A 103 0.11 3.44 8.22
CA ARG A 103 0.94 4.29 7.37
C ARG A 103 2.33 4.49 7.97
N LYS A 104 2.39 4.82 9.23
CA LYS A 104 3.68 4.93 9.89
C LYS A 104 4.48 3.65 9.82
N TYR A 105 3.82 2.54 10.07
CA TYR A 105 4.46 1.24 10.06
C TYR A 105 5.01 0.94 8.67
N PHE A 106 4.23 1.25 7.64
CA PHE A 106 4.66 1.02 6.27
C PHE A 106 5.85 1.89 5.90
N GLU A 107 5.75 3.19 6.19
CA GLU A 107 6.77 4.12 5.69
C GLU A 107 8.14 3.83 6.29
N LYS A 108 8.20 3.40 7.53
CA LYS A 108 9.48 3.05 8.11
C LYS A 108 10.01 1.80 7.45
N LYS A 109 9.17 0.82 7.21
CA LYS A 109 9.63 -0.39 6.56
C LYS A 109 10.10 -0.09 5.16
N TRP A 110 9.42 0.85 4.50
CA TRP A 110 9.78 1.23 3.14
C TRP A 110 11.17 1.86 3.15
N THR A 111 11.37 2.79 4.07
CA THR A 111 12.64 3.46 4.19
C THR A 111 13.78 2.49 4.52
N ASP A 112 13.56 1.64 5.53
CA ASP A 112 14.60 0.72 5.98
C ASP A 112 14.96 -0.30 4.92
N THR A 113 13.98 -0.70 4.13
CA THR A 113 14.20 -1.75 3.14
C THR A 113 14.95 -1.26 1.88
N PHE A 114 14.69 -0.05 1.40
CA PHE A 114 15.04 0.27 0.02
C PHE A 114 16.12 1.31 -0.29
N LYS A 115 16.30 2.26 0.62
CA LYS A 115 17.54 3.04 0.61
C LYS A 115 18.50 2.50 1.68
N VAL A 116 18.84 1.22 1.52
CA VAL A 116 19.93 0.51 2.21
C VAL A 116 21.00 1.42 2.83
#